data_7Y95
#
_entry.id   7Y95
#
_cell.length_a   45.177
_cell.length_b   39.096
_cell.length_c   60.873
_cell.angle_alpha   90.000
_cell.angle_beta   108.970
_cell.angle_gamma   90.000
#
_symmetry.space_group_name_H-M   'P 1 21 1'
#
loop_
_entity.id
_entity.type
_entity.pdbx_description
1 polymer Dscam
2 non-polymer 'SODIUM ION'
3 non-polymer GLYCEROL
4 water water
#
_entity_poly.entity_id   1
_entity_poly.type   'polypeptide(L)'
_entity_poly.pdbx_seq_one_letter_code
;GASGSEIPKIQPFFFPKNLTTGKTVKVICNPSEGSLPFTFEWLKDGTQVVPSAHVAVKTHEDYSLLNIDSVGWEDAGNYS
CVLNNSAGSDTHTATLSVFA
;
_entity_poly.pdbx_strand_id   A,B
#
loop_
_chem_comp.id
_chem_comp.type
_chem_comp.name
_chem_comp.formula
GOL non-polymer GLYCEROL 'C3 H8 O3'
NA non-polymer 'SODIUM ION' 'Na 1'
#
# COMPACT_ATOMS: atom_id res chain seq x y z
N GLY A 1 21.73 -14.18 -18.46
CA GLY A 1 21.32 -15.03 -19.61
C GLY A 1 20.18 -14.42 -20.37
N ALA A 2 19.27 -15.27 -20.84
CA ALA A 2 18.06 -14.79 -21.51
C ALA A 2 17.22 -13.98 -20.54
N SER A 3 16.88 -12.77 -20.92
CA SER A 3 16.13 -11.83 -20.08
C SER A 3 14.71 -11.73 -20.59
N GLY A 4 13.76 -12.17 -19.78
CA GLY A 4 12.35 -12.05 -20.16
C GLY A 4 11.90 -10.61 -20.05
N SER A 5 11.19 -10.13 -21.08
CA SER A 5 10.69 -8.76 -21.14
C SER A 5 9.17 -8.83 -21.03
N GLU A 6 8.67 -8.55 -19.84
CA GLU A 6 7.25 -8.68 -19.50
C GLU A 6 6.66 -7.30 -19.26
N ILE A 7 5.57 -7.00 -19.95
CA ILE A 7 4.90 -5.71 -19.79
C ILE A 7 4.41 -5.58 -18.35
N PRO A 8 4.44 -4.39 -17.74
CA PRO A 8 4.01 -4.30 -16.35
C PRO A 8 2.50 -4.32 -16.19
N LYS A 9 2.07 -4.77 -15.01
CA LYS A 9 0.67 -4.78 -14.64
C LYS A 9 0.58 -4.21 -13.23
N ILE A 10 -0.20 -3.13 -13.07
CA ILE A 10 -0.32 -2.47 -11.78
C ILE A 10 -1.29 -3.27 -10.92
N GLN A 11 -0.94 -3.43 -9.67
CA GLN A 11 -1.87 -3.93 -8.66
C GLN A 11 -2.90 -2.84 -8.37
N PRO A 12 -4.19 -3.11 -8.50
CA PRO A 12 -5.18 -2.05 -8.26
C PRO A 12 -5.12 -1.55 -6.84
N PHE A 13 -5.13 -0.23 -6.68
CA PHE A 13 -5.19 0.42 -5.38
C PHE A 13 -6.40 1.34 -5.32
N PHE A 14 -6.97 1.47 -4.12
CA PHE A 14 -8.13 2.32 -3.90
C PHE A 14 -7.99 3.04 -2.58
N PHE A 15 -8.62 4.20 -2.50
CA PHE A 15 -8.60 5.01 -1.30
C PHE A 15 -9.69 4.57 -0.32
N PRO A 16 -9.50 4.84 0.96
CA PRO A 16 -10.57 4.53 1.93
C PRO A 16 -11.79 5.43 1.73
N LYS A 17 -12.94 4.97 2.21
CA LYS A 17 -14.21 5.53 1.78
C LYS A 17 -14.79 6.60 2.71
N ASN A 18 -14.53 6.57 3.99
CA ASN A 18 -15.13 7.55 4.90
C ASN A 18 -14.04 8.44 5.50
N LEU A 19 -13.15 8.93 4.65
CA LEU A 19 -12.03 9.74 5.11
C LEU A 19 -12.51 11.16 5.40
N THR A 20 -12.23 11.64 6.60
CA THR A 20 -12.68 12.95 7.04
C THR A 20 -11.49 13.89 7.18
N THR A 21 -11.82 15.18 7.26
CA THR A 21 -10.80 16.22 7.29
C THR A 21 -9.78 15.95 8.39
N GLY A 22 -8.51 16.15 8.05
CA GLY A 22 -7.43 16.10 9.02
C GLY A 22 -6.73 14.78 9.14
N LYS A 23 -7.27 13.71 8.56
CA LYS A 23 -6.67 12.39 8.70
C LYS A 23 -5.53 12.20 7.69
N THR A 24 -4.71 11.18 7.96
CA THR A 24 -3.64 10.79 7.06
C THR A 24 -4.13 9.64 6.19
N VAL A 25 -3.67 9.62 4.93
CA VAL A 25 -3.99 8.52 4.02
C VAL A 25 -2.75 8.19 3.20
N LYS A 26 -2.54 6.90 2.97
CA LYS A 26 -1.44 6.39 2.16
C LYS A 26 -1.99 5.40 1.14
N VAL A 27 -1.42 5.40 -0.06
CA VAL A 27 -1.68 4.36 -1.04
C VAL A 27 -0.34 3.97 -1.66
N ILE A 28 -0.27 2.73 -2.13
CA ILE A 28 0.92 2.17 -2.76
C ILE A 28 0.56 1.82 -4.21
N CYS A 29 1.48 2.11 -5.12
CA CYS A 29 1.44 1.65 -6.50
C CYS A 29 2.57 0.65 -6.69
N ASN A 30 2.24 -0.53 -7.19
CA ASN A 30 3.27 -1.54 -7.38
C ASN A 30 2.88 -2.49 -8.49
N PRO A 31 3.85 -3.05 -9.21
CA PRO A 31 3.52 -4.08 -10.20
C PRO A 31 3.16 -5.39 -9.51
N SER A 32 2.18 -6.08 -10.06
CA SER A 32 1.95 -7.48 -9.77
C SER A 32 2.74 -8.38 -10.73
N GLU A 33 3.05 -7.85 -11.92
CA GLU A 33 3.82 -8.55 -12.93
C GLU A 33 4.65 -7.52 -13.68
N GLY A 34 5.71 -8.00 -14.32
CA GLY A 34 6.53 -7.16 -15.17
C GLY A 34 8.00 -7.33 -14.85
N SER A 35 8.84 -7.07 -15.86
CA SER A 35 10.28 -7.14 -15.67
C SER A 35 10.80 -5.82 -15.11
N LEU A 36 11.87 -5.91 -14.33
CA LEU A 36 12.58 -4.73 -13.88
C LEU A 36 13.24 -4.06 -15.08
N PRO A 37 13.63 -2.79 -14.94
CA PRO A 37 13.36 -1.89 -13.81
C PRO A 37 12.08 -1.12 -14.01
N PHE A 38 11.56 -0.52 -12.95
CA PHE A 38 10.29 0.19 -12.98
C PHE A 38 10.50 1.67 -12.72
N THR A 39 9.70 2.49 -13.40
CA THR A 39 9.56 3.91 -13.09
C THR A 39 8.10 4.19 -12.77
N PHE A 40 7.89 5.11 -11.84
CA PHE A 40 6.59 5.46 -11.32
C PHE A 40 6.35 6.95 -11.49
N GLU A 41 5.12 7.32 -11.83
CA GLU A 41 4.69 8.71 -11.94
C GLU A 41 3.31 8.82 -11.34
N TRP A 42 3.09 9.85 -10.53
CA TRP A 42 1.81 10.10 -9.91
C TRP A 42 1.18 11.35 -10.49
N LEU A 43 -0.10 11.26 -10.83
CA LEU A 43 -0.87 12.37 -11.35
C LEU A 43 -2.10 12.59 -10.47
N LYS A 44 -2.50 13.85 -10.33
CA LYS A 44 -3.72 14.21 -9.65
C LYS A 44 -4.51 15.16 -10.54
N ASP A 45 -5.68 14.72 -10.98
CA ASP A 45 -6.59 15.57 -11.75
C ASP A 45 -5.87 16.27 -12.90
N GLY A 46 -5.11 15.50 -13.66
CA GLY A 46 -4.53 16.00 -14.89
C GLY A 46 -3.20 16.70 -14.78
N THR A 47 -2.51 16.59 -13.65
CA THR A 47 -1.18 17.18 -13.52
C THR A 47 -0.37 16.35 -12.54
N GLN A 48 0.94 16.34 -12.74
CA GLN A 48 1.82 15.55 -11.88
C GLN A 48 1.72 16.04 -10.44
N VAL A 49 1.68 15.08 -9.50
CA VAL A 49 1.63 15.44 -8.10
C VAL A 49 2.87 16.22 -7.74
N VAL A 50 2.69 17.31 -7.00
CA VAL A 50 3.79 18.15 -6.53
C VAL A 50 3.96 17.90 -5.04
N PRO A 51 5.07 17.31 -4.60
CA PRO A 51 5.28 17.14 -3.16
C PRO A 51 5.24 18.47 -2.44
N SER A 52 4.76 18.43 -1.20
CA SER A 52 4.58 19.63 -0.38
C SER A 52 4.80 19.26 1.08
N ALA A 53 4.45 20.18 1.98
CA ALA A 53 4.60 19.90 3.40
C ALA A 53 3.68 18.76 3.84
N HIS A 54 2.53 18.59 3.20
CA HIS A 54 1.58 17.55 3.57
C HIS A 54 1.44 16.45 2.54
N VAL A 55 2.08 16.58 1.37
CA VAL A 55 1.99 15.56 0.31
C VAL A 55 3.41 15.08 0.01
N ALA A 56 3.59 13.77 0.04
CA ALA A 56 4.90 13.19 -0.20
C ALA A 56 4.78 11.99 -1.13
N VAL A 57 5.78 11.83 -2.00
CA VAL A 57 5.92 10.67 -2.85
C VAL A 57 7.29 10.05 -2.55
N LYS A 58 7.29 8.77 -2.20
CA LYS A 58 8.52 8.04 -1.90
C LYS A 58 8.56 6.81 -2.79
N THR A 59 9.50 6.78 -3.74
CA THR A 59 9.57 5.73 -4.73
C THR A 59 10.75 4.81 -4.45
N HIS A 60 10.50 3.51 -4.55
CA HIS A 60 11.45 2.45 -4.35
C HIS A 60 11.63 1.69 -5.66
N GLU A 61 12.42 0.61 -5.63
CA GLU A 61 12.69 -0.11 -6.86
C GLU A 61 11.43 -0.74 -7.43
N ASP A 62 10.51 -1.19 -6.55
CA ASP A 62 9.36 -1.97 -7.01
C ASP A 62 8.03 -1.50 -6.41
N TYR A 63 8.00 -0.30 -5.84
CA TYR A 63 6.73 0.30 -5.44
C TYR A 63 6.94 1.78 -5.21
N SER A 64 5.83 2.52 -5.20
CA SER A 64 5.84 3.96 -4.92
C SER A 64 4.71 4.27 -3.95
N LEU A 65 5.02 5.12 -2.97
CA LEU A 65 4.11 5.44 -1.89
C LEU A 65 3.69 6.90 -2.00
N LEU A 66 2.38 7.12 -2.01
CA LEU A 66 1.79 8.45 -1.95
C LEU A 66 1.23 8.66 -0.55
N ASN A 67 1.68 9.73 0.11
CA ASN A 67 1.24 10.05 1.46
C ASN A 67 0.62 11.44 1.48
N ILE A 68 -0.56 11.55 2.08
CA ILE A 68 -1.22 12.84 2.29
C ILE A 68 -1.55 12.96 3.76
N ASP A 69 -0.98 13.96 4.43
CA ASP A 69 -1.33 14.28 5.80
C ASP A 69 -2.38 15.39 5.84
N SER A 70 -3.11 15.43 6.95
CA SER A 70 -4.08 16.50 7.21
C SER A 70 -4.94 16.78 5.98
N VAL A 71 -5.63 15.73 5.51
CA VAL A 71 -6.37 15.85 4.27
C VAL A 71 -7.41 16.96 4.39
N GLY A 72 -7.59 17.70 3.30
CA GLY A 72 -8.69 18.63 3.16
C GLY A 72 -9.37 18.44 1.82
N TRP A 73 -10.39 19.26 1.57
CA TRP A 73 -11.16 19.09 0.35
C TRP A 73 -10.30 19.22 -0.89
N GLU A 74 -9.24 20.03 -0.83
CA GLU A 74 -8.39 20.21 -2.00
C GLU A 74 -7.64 18.94 -2.37
N ASP A 75 -7.46 18.01 -1.43
CA ASP A 75 -6.78 16.76 -1.72
C ASP A 75 -7.68 15.74 -2.41
N ALA A 76 -8.99 15.96 -2.38
CA ALA A 76 -9.91 15.07 -3.06
C ALA A 76 -9.68 15.15 -4.56
N GLY A 77 -9.87 14.03 -5.24
CA GLY A 77 -9.73 13.99 -6.67
C GLY A 77 -9.29 12.62 -7.14
N ASN A 78 -8.93 12.54 -8.42
CA ASN A 78 -8.51 11.29 -9.04
C ASN A 78 -6.99 11.25 -9.11
N TYR A 79 -6.40 10.25 -8.45
CA TYR A 79 -4.96 10.06 -8.45
C TYR A 79 -4.62 8.88 -9.35
N SER A 80 -3.66 9.08 -10.24
CA SER A 80 -3.25 8.05 -11.18
C SER A 80 -1.78 7.72 -10.94
N CYS A 81 -1.46 6.43 -10.98
CA CYS A 81 -0.08 5.97 -11.03
C CYS A 81 0.18 5.45 -12.44
N VAL A 82 1.24 5.93 -13.06
CA VAL A 82 1.70 5.42 -14.34
C VAL A 82 2.98 4.63 -14.07
N LEU A 83 2.98 3.37 -14.47
CA LEU A 83 4.07 2.44 -14.23
C LEU A 83 4.62 1.97 -15.57
N ASN A 84 5.94 2.09 -15.74
CA ASN A 84 6.62 1.70 -16.96
C ASN A 84 7.83 0.82 -16.63
N ASN A 85 8.24 0.01 -17.61
CA ASN A 85 9.52 -0.67 -17.57
C ASN A 85 10.02 -0.56 -19.01
N SER A 86 10.88 -1.46 -19.45
CA SER A 86 11.40 -1.39 -20.81
C SER A 86 10.51 -2.10 -21.82
N ALA A 87 9.46 -2.77 -21.37
CA ALA A 87 8.54 -3.49 -22.24
C ALA A 87 7.24 -2.73 -22.51
N GLY A 88 6.74 -2.00 -21.52
CA GLY A 88 5.48 -1.31 -21.70
C GLY A 88 5.11 -0.48 -20.50
N SER A 89 3.86 -0.03 -20.49
CA SER A 89 3.35 0.83 -19.43
C SER A 89 1.94 0.38 -19.05
N ASP A 90 1.56 0.74 -17.83
CA ASP A 90 0.23 0.48 -17.31
C ASP A 90 -0.15 1.67 -16.43
N THR A 91 -1.45 1.82 -16.19
CA THR A 91 -1.95 2.93 -15.39
C THR A 91 -3.14 2.45 -14.56
N HIS A 92 -3.28 3.05 -13.38
CA HIS A 92 -4.45 2.82 -12.54
C HIS A 92 -4.83 4.15 -11.93
N THR A 93 -6.13 4.42 -11.87
CA THR A 93 -6.66 5.66 -11.30
C THR A 93 -7.58 5.30 -10.15
N ALA A 94 -7.44 6.01 -9.03
CA ALA A 94 -8.27 5.83 -7.85
C ALA A 94 -8.80 7.18 -7.40
N THR A 95 -10.08 7.20 -7.03
CA THR A 95 -10.74 8.41 -6.57
C THR A 95 -10.64 8.53 -5.06
N LEU A 96 -10.17 9.68 -4.60
CA LEU A 96 -10.17 10.02 -3.19
C LEU A 96 -11.30 11.01 -2.90
N SER A 97 -12.16 10.68 -1.95
CA SER A 97 -13.16 11.61 -1.45
C SER A 97 -12.81 12.00 -0.02
N VAL A 98 -13.04 13.27 0.30
CA VAL A 98 -12.76 13.82 1.63
C VAL A 98 -14.03 14.45 2.17
N PHE A 99 -14.47 14.02 3.33
CA PHE A 99 -15.68 14.51 3.96
C PHE A 99 -15.32 15.40 5.14
N ALA A 100 -16.29 16.20 5.59
CA ALA A 100 -16.10 17.10 6.70
C ALA A 100 -15.60 16.33 7.92
N SER B 3 -0.12 15.72 25.17
CA SER B 3 0.00 15.45 23.71
C SER B 3 0.89 14.23 23.47
N GLY B 4 0.81 13.68 22.26
CA GLY B 4 1.54 12.46 21.96
C GLY B 4 0.90 11.21 22.49
N SER B 5 -0.37 11.28 22.88
CA SER B 5 -1.11 10.12 23.38
C SER B 5 -2.38 9.89 22.58
N GLU B 6 -2.35 10.17 21.27
CA GLU B 6 -3.48 9.85 20.41
C GLU B 6 -3.45 8.35 20.09
N ILE B 7 -4.59 7.69 20.31
CA ILE B 7 -4.68 6.24 20.09
C ILE B 7 -4.54 5.94 18.61
N PRO B 8 -3.91 4.84 18.22
CA PRO B 8 -3.74 4.55 16.79
C PRO B 8 -5.00 3.96 16.19
N LYS B 9 -5.19 4.23 14.89
CA LYS B 9 -6.23 3.59 14.11
C LYS B 9 -5.65 3.28 12.73
N ILE B 10 -5.80 2.03 12.31
CA ILE B 10 -5.24 1.56 11.05
C ILE B 10 -6.17 1.95 9.91
N GLN B 11 -5.58 2.42 8.83
CA GLN B 11 -6.31 2.60 7.58
C GLN B 11 -6.72 1.23 7.05
N PRO B 12 -8.00 0.96 6.83
CA PRO B 12 -8.38 -0.38 6.37
C PRO B 12 -7.65 -0.73 5.08
N PHE B 13 -7.04 -1.92 5.06
CA PHE B 13 -6.38 -2.43 3.88
C PHE B 13 -7.03 -3.73 3.43
N PHE B 14 -6.90 -4.03 2.15
CA PHE B 14 -7.49 -5.22 1.57
C PHE B 14 -6.56 -5.75 0.49
N PHE B 15 -6.67 -7.02 0.22
CA PHE B 15 -5.89 -7.64 -0.85
C PHE B 15 -6.60 -7.54 -2.18
N PRO B 16 -5.85 -7.57 -3.28
CA PRO B 16 -6.48 -7.49 -4.60
C PRO B 16 -7.40 -8.68 -4.83
N LYS B 17 -8.38 -8.47 -5.71
CA LYS B 17 -9.35 -9.49 -6.05
C LYS B 17 -9.00 -10.24 -7.31
N ASN B 18 -7.79 -10.04 -7.85
CA ASN B 18 -7.39 -10.66 -9.11
C ASN B 18 -6.10 -11.45 -8.95
N LEU B 19 -5.85 -12.00 -7.76
CA LEU B 19 -4.57 -12.67 -7.51
C LEU B 19 -4.56 -14.04 -8.18
N THR B 20 -3.57 -14.26 -9.04
CA THR B 20 -3.32 -15.55 -9.67
C THR B 20 -1.94 -16.04 -9.23
N THR B 21 -1.77 -17.35 -9.27
CA THR B 21 -0.50 -17.95 -8.88
C THR B 21 0.65 -17.32 -9.66
N GLY B 22 1.65 -16.85 -8.92
CA GLY B 22 2.83 -16.26 -9.49
C GLY B 22 2.89 -14.74 -9.38
N LYS B 23 1.77 -14.09 -9.11
CA LYS B 23 1.78 -12.64 -8.99
C LYS B 23 2.53 -12.21 -7.74
N THR B 24 3.13 -11.02 -7.81
CA THR B 24 3.57 -10.32 -6.62
C THR B 24 2.40 -9.55 -6.01
N VAL B 25 2.32 -9.56 -4.69
CA VAL B 25 1.28 -8.81 -3.99
C VAL B 25 1.92 -8.04 -2.84
N LYS B 26 1.55 -6.78 -2.70
CA LYS B 26 1.98 -5.92 -1.61
C LYS B 26 0.78 -5.29 -0.93
N VAL B 27 0.82 -5.24 0.39
CA VAL B 27 -0.15 -4.47 1.17
C VAL B 27 0.62 -3.68 2.19
N ILE B 28 0.16 -2.47 2.49
CA ILE B 28 0.76 -1.65 3.54
C ILE B 28 -0.25 -1.46 4.67
N CYS B 29 0.27 -1.50 5.88
CA CYS B 29 -0.46 -1.12 7.08
C CYS B 29 0.05 0.23 7.52
N ASN B 30 -0.87 1.19 7.73
CA ASN B 30 -0.44 2.50 8.19
C ASN B 30 -1.56 3.12 9.03
N PRO B 31 -1.21 4.02 9.93
CA PRO B 31 -2.24 4.74 10.68
C PRO B 31 -2.90 5.84 9.84
N SER B 32 -4.20 6.00 10.05
CA SER B 32 -4.89 7.22 9.65
C SER B 32 -4.85 8.27 10.75
N GLU B 33 -4.64 7.85 12.00
CA GLU B 33 -4.46 8.74 13.14
C GLU B 33 -3.67 7.99 14.18
N GLY B 34 -3.15 8.75 15.14
CA GLY B 34 -2.35 8.20 16.22
C GLY B 34 -1.02 8.91 16.34
N SER B 35 -0.47 8.91 17.54
CA SER B 35 0.80 9.58 17.81
C SER B 35 1.99 8.67 17.53
N LEU B 36 3.02 9.26 16.91
CA LEU B 36 4.30 8.61 16.77
C LEU B 36 4.98 8.49 18.13
N PRO B 37 5.87 7.50 18.32
CA PRO B 37 6.24 6.44 17.37
C PRO B 37 5.34 5.21 17.42
N PHE B 38 5.34 4.44 16.34
CA PHE B 38 4.55 3.24 16.23
C PHE B 38 5.44 2.00 16.14
N THR B 39 4.86 0.86 16.53
CA THR B 39 5.40 -0.45 16.20
C THR B 39 4.33 -1.25 15.46
N PHE B 40 4.78 -2.16 14.62
CA PHE B 40 3.91 -2.94 13.75
C PHE B 40 4.20 -4.42 13.92
N GLU B 41 3.15 -5.25 13.81
CA GLU B 41 3.30 -6.70 13.78
C GLU B 41 2.31 -7.24 12.77
N TRP B 42 2.75 -8.21 11.98
CA TRP B 42 1.89 -8.90 11.03
C TRP B 42 1.60 -10.32 11.52
N LEU B 43 0.34 -10.72 11.42
CA LEU B 43 -0.08 -12.07 11.75
C LEU B 43 -0.68 -12.72 10.51
N LYS B 44 -0.46 -14.03 10.38
CA LYS B 44 -1.17 -14.85 9.41
C LYS B 44 -1.99 -15.87 10.19
N ASP B 45 -3.31 -15.80 10.07
CA ASP B 45 -4.20 -16.72 10.77
C ASP B 45 -3.88 -16.77 12.26
N GLY B 46 -3.59 -15.60 12.83
CA GLY B 46 -3.38 -15.49 14.25
C GLY B 46 -1.97 -15.72 14.75
N THR B 47 -1.03 -16.06 13.88
CA THR B 47 0.36 -16.32 14.27
C THR B 47 1.27 -15.36 13.53
N GLN B 48 2.26 -14.82 14.24
CA GLN B 48 3.12 -13.82 13.64
C GLN B 48 3.76 -14.36 12.36
N VAL B 49 3.80 -13.50 11.33
CA VAL B 49 4.34 -13.90 10.05
C VAL B 49 5.82 -14.23 10.20
N VAL B 50 6.24 -15.34 9.59
CA VAL B 50 7.64 -15.74 9.55
C VAL B 50 8.18 -15.31 8.19
N PRO B 51 9.04 -14.29 8.11
CA PRO B 51 9.60 -13.92 6.81
C PRO B 51 10.36 -15.08 6.20
N SER B 52 10.46 -15.05 4.87
CA SER B 52 11.12 -16.10 4.12
C SER B 52 11.61 -15.51 2.81
N ALA B 53 12.11 -16.38 1.93
CA ALA B 53 12.66 -15.89 0.66
C ALA B 53 11.62 -15.09 -0.13
N HIS B 54 10.36 -15.53 -0.10
CA HIS B 54 9.32 -14.92 -0.91
C HIS B 54 8.29 -14.16 -0.09
N VAL B 55 8.47 -14.05 1.22
CA VAL B 55 7.56 -13.29 2.08
C VAL B 55 8.41 -12.33 2.89
N ALA B 56 8.17 -11.03 2.71
CA ALA B 56 8.96 -10.00 3.35
C ALA B 56 8.07 -9.07 4.17
N VAL B 57 8.55 -8.71 5.35
CA VAL B 57 7.94 -7.69 6.18
C VAL B 57 8.97 -6.58 6.30
N LYS B 58 8.64 -5.40 5.80
CA LYS B 58 9.55 -4.24 5.86
C LYS B 58 8.82 -3.12 6.57
N THR B 59 9.24 -2.84 7.79
CA THR B 59 8.56 -1.88 8.65
C THR B 59 9.35 -0.58 8.68
N HIS B 60 8.66 0.52 8.42
CA HIS B 60 9.23 1.85 8.43
C HIS B 60 8.63 2.64 9.59
N GLU B 61 8.92 3.94 9.60
CA GLU B 61 8.51 4.77 10.74
C GLU B 61 7.00 4.82 10.89
N ASP B 62 6.26 4.95 9.79
CA ASP B 62 4.84 5.20 9.84
C ASP B 62 4.05 4.27 8.93
N TYR B 63 4.65 3.16 8.50
CA TYR B 63 3.91 2.14 7.78
C TYR B 63 4.73 0.86 7.80
N SER B 64 4.05 -0.24 7.50
CA SER B 64 4.71 -1.54 7.37
C SER B 64 4.22 -2.20 6.09
N LEU B 65 5.17 -2.78 5.36
CA LEU B 65 4.89 -3.39 4.06
C LEU B 65 4.96 -4.91 4.19
N LEU B 66 3.89 -5.58 3.79
CA LEU B 66 3.90 -7.02 3.59
C LEU B 66 4.03 -7.28 2.10
N ASN B 67 5.08 -8.00 1.71
CA ASN B 67 5.32 -8.35 0.32
C ASN B 67 5.39 -9.87 0.16
N ILE B 68 4.65 -10.39 -0.80
CA ILE B 68 4.69 -11.80 -1.15
C ILE B 68 5.00 -11.91 -2.63
N ASP B 69 6.15 -12.47 -2.96
CA ASP B 69 6.50 -12.79 -4.32
C ASP B 69 5.93 -14.16 -4.69
N SER B 70 5.60 -14.32 -5.97
CA SER B 70 5.08 -15.57 -6.51
C SER B 70 4.03 -16.18 -5.58
N VAL B 71 2.96 -15.41 -5.38
CA VAL B 71 1.91 -15.87 -4.48
C VAL B 71 1.34 -17.20 -4.97
N GLY B 72 0.90 -18.02 -4.01
CA GLY B 72 0.30 -19.31 -4.33
C GLY B 72 -0.81 -19.61 -3.35
N TRP B 73 -1.41 -20.79 -3.52
CA TRP B 73 -2.53 -21.17 -2.66
C TRP B 73 -2.12 -21.21 -1.19
N GLU B 74 -0.86 -21.56 -0.91
CA GLU B 74 -0.43 -21.66 0.48
C GLU B 74 -0.37 -20.31 1.17
N ASP B 75 -0.35 -19.21 0.41
CA ASP B 75 -0.36 -17.88 0.99
C ASP B 75 -1.77 -17.39 1.33
N ALA B 76 -2.80 -18.07 0.86
CA ALA B 76 -4.17 -17.69 1.20
C ALA B 76 -4.36 -17.77 2.71
N GLY B 77 -5.08 -16.80 3.24
CA GLY B 77 -5.32 -16.74 4.66
C GLY B 77 -5.73 -15.35 5.09
N ASN B 78 -5.87 -15.20 6.41
CA ASN B 78 -6.29 -13.94 7.01
C ASN B 78 -5.07 -13.28 7.62
N TYR B 79 -4.70 -12.12 7.10
CA TYR B 79 -3.52 -11.40 7.56
C TYR B 79 -3.95 -10.20 8.40
N SER B 80 -3.39 -10.12 9.60
CA SER B 80 -3.68 -9.03 10.51
C SER B 80 -2.45 -8.13 10.64
N CYS B 81 -2.68 -6.84 10.68
CA CYS B 81 -1.66 -5.89 11.11
C CYS B 81 -2.06 -5.39 12.49
N VAL B 82 -1.12 -5.45 13.44
CA VAL B 82 -1.28 -4.90 14.78
C VAL B 82 -0.44 -3.65 14.86
N LEU B 83 -1.09 -2.52 15.15
CA LEU B 83 -0.43 -1.23 15.23
C LEU B 83 -0.47 -0.75 16.67
N ASN B 84 0.70 -0.48 17.23
CA ASN B 84 0.85 -0.10 18.63
C ASN B 84 1.51 1.25 18.76
N ASN B 85 1.14 1.99 19.81
CA ASN B 85 1.92 3.15 20.25
C ASN B 85 1.74 3.28 21.75
N SER B 86 2.35 4.32 22.33
CA SER B 86 2.32 4.50 23.78
C SER B 86 0.90 4.52 24.32
N ALA B 87 -0.06 4.93 23.50
CA ALA B 87 -1.41 5.17 23.98
C ALA B 87 -2.35 3.98 23.81
N GLY B 88 -2.09 3.10 22.85
CA GLY B 88 -3.00 1.99 22.64
C GLY B 88 -2.63 1.15 21.44
N SER B 89 -3.63 0.42 20.93
CA SER B 89 -3.41 -0.61 19.93
C SER B 89 -4.64 -0.70 19.02
N ASP B 90 -4.39 -1.07 17.76
CA ASP B 90 -5.45 -1.36 16.81
C ASP B 90 -5.00 -2.52 15.94
N THR B 91 -5.98 -3.31 15.49
CA THR B 91 -5.71 -4.43 14.60
C THR B 91 -6.71 -4.39 13.45
N HIS B 92 -6.20 -4.60 12.24
CA HIS B 92 -7.02 -4.77 11.06
C HIS B 92 -6.64 -6.07 10.37
N THR B 93 -7.66 -6.80 9.89
CA THR B 93 -7.46 -8.09 9.26
C THR B 93 -8.14 -8.10 7.90
N ALA B 94 -7.44 -8.68 6.92
CA ALA B 94 -7.95 -8.80 5.57
C ALA B 94 -7.62 -10.18 5.02
N THR B 95 -8.47 -10.67 4.15
CA THR B 95 -8.34 -12.01 3.59
C THR B 95 -7.63 -11.94 2.25
N LEU B 96 -6.58 -12.75 2.11
CA LEU B 96 -5.89 -12.96 0.84
C LEU B 96 -6.46 -14.22 0.22
N SER B 97 -7.03 -14.08 -0.99
CA SER B 97 -7.59 -15.18 -1.77
C SER B 97 -6.81 -15.28 -3.07
N VAL B 98 -6.55 -16.51 -3.51
CA VAL B 98 -5.82 -16.76 -4.75
C VAL B 98 -6.68 -17.63 -5.65
N PHE B 99 -6.85 -17.18 -6.90
CA PHE B 99 -7.54 -17.99 -7.90
C PHE B 99 -6.66 -19.15 -8.33
N ALA B 100 -7.19 -20.36 -8.26
CA ALA B 100 -6.50 -21.53 -8.79
C ALA B 100 -7.51 -22.42 -9.52
NA NA C . -13.08 18.10 -2.64
NA NA D . -3.13 1.40 1.19
NA NA E . 4.13 5.97 -19.48
NA NA F . 5.06 9.01 0.76
NA NA G . -8.76 10.84 -14.05
NA NA H . -9.32 1.10 0.45
C1 GOL I . 13.54 5.15 3.44
O1 GOL I . 12.49 4.22 3.46
C2 GOL I . 14.22 5.10 4.83
O2 GOL I . 15.13 6.15 4.98
C3 GOL I . 13.06 5.17 5.83
O3 GOL I . 12.53 3.90 5.97
H11 GOL I . 14.19 4.96 2.76
H12 GOL I . 13.23 6.05 3.28
HO1 GOL I . 11.90 4.50 2.92
H2 GOL I . 14.73 4.28 4.94
HO2 GOL I . 14.83 6.67 5.59
H31 GOL I . 12.41 5.82 5.50
H32 GOL I . 13.40 5.53 6.66
HO3 GOL I . 13.16 3.36 6.12
C1 GOL J . 0.87 8.95 10.49
O1 GOL J . 1.42 9.71 9.46
C2 GOL J . 0.23 9.95 11.48
O2 GOL J . 1.19 10.61 12.24
C3 GOL J . -0.70 9.09 12.34
O3 GOL J . -1.26 9.98 13.22
H11 GOL J . 1.52 8.42 10.96
H12 GOL J . 0.19 8.33 10.18
HO1 GOL J . 1.21 10.53 9.61
H2 GOL J . -0.25 10.64 11.00
HO2 GOL J . 1.77 10.04 12.49
H31 GOL J . -1.35 8.64 11.77
H32 GOL J . -0.20 8.38 12.76
HO3 GOL J . -2.10 9.96 13.10
NA NA K . 10.93 -3.87 0.49
NA NA L . -2.67 -19.14 14.89
#